data_5AVE
#
_entry.id   5AVE
#
_cell.length_a   98.720
_cell.length_b   134.220
_cell.length_c   50.530
_cell.angle_alpha   90.00
_cell.angle_beta   90.00
_cell.angle_gamma   90.00
#
_symmetry.space_group_name_H-M   'C 2 2 21'
#
loop_
_entity.id
_entity.type
_entity.pdbx_description
1 polymer 'Methyl-accepting chemotaxis (MCP) signaling domain protein'
2 non-polymer SERINE
3 water water
#
_entity_poly.entity_id   1
_entity_poly.type   'polypeptide(L)'
_entity_poly.pdbx_seq_one_letter_code
;GPLGSVRDEIRSMVSDSVDEIVDGVSKTTAEVINGRKSIAQYATSLIESNPEPDNVRTIISQPLIKNTFLLVGFGLEKDG
SNINNDPSWNPGPTWDPRVRPWYKDAKNAGKLVITAPYADSASGEILVSVATPVKDSATGQFLGSIFYDVSLAELAELVN
EVKLFDAGYVFIVSEDGTTIAHPKKEFNGKPMSEFLGESKINVDTHQVIINGKPYAVSFSDVEGEDWYVGVVIDEEIAYA
ALDELRRSTLIHHHHHH
;
_entity_poly.pdbx_strand_id   A
#
# COMPACT_ATOMS: atom_id res chain seq x y z
N SER A 5 4.12 37.32 -18.35
CA SER A 5 4.05 36.58 -17.10
C SER A 5 3.49 35.18 -17.33
N VAL A 6 3.93 34.53 -18.39
CA VAL A 6 3.54 33.15 -18.67
C VAL A 6 4.30 32.21 -17.73
N ARG A 7 5.57 32.52 -17.50
CA ARG A 7 6.38 31.72 -16.59
C ARG A 7 5.71 31.62 -15.23
N ASP A 8 5.13 32.73 -14.77
CA ASP A 8 4.44 32.76 -13.48
C ASP A 8 3.22 31.84 -13.46
N GLU A 9 2.38 31.96 -14.48
CA GLU A 9 1.16 31.16 -14.56
C GLU A 9 1.47 29.67 -14.50
N ILE A 10 2.49 29.26 -15.26
CA ILE A 10 2.85 27.85 -15.36
C ILE A 10 3.52 27.34 -14.08
N ARG A 11 4.44 28.12 -13.52
CA ARG A 11 5.08 27.74 -12.27
C ARG A 11 4.04 27.54 -11.18
N SER A 12 3.02 28.39 -11.18
CA SER A 12 1.92 28.29 -10.23
C SER A 12 1.14 26.98 -10.44
N MET A 13 0.88 26.65 -11.70
CA MET A 13 0.18 25.41 -12.03
C MET A 13 0.98 24.17 -11.60
N VAL A 14 2.30 24.24 -11.72
CA VAL A 14 3.15 23.14 -11.26
C VAL A 14 3.01 22.94 -9.76
N SER A 15 3.18 24.02 -9.01
CA SER A 15 3.08 23.98 -7.55
C SER A 15 1.73 23.42 -7.10
N ASP A 16 0.65 23.92 -7.69
CA ASP A 16 -0.68 23.42 -7.40
C ASP A 16 -0.84 21.96 -7.83
N SER A 17 -0.20 21.59 -8.93
CA SER A 17 -0.28 20.24 -9.45
C SER A 17 0.35 19.23 -8.48
N VAL A 18 1.47 19.62 -7.89
CA VAL A 18 2.13 18.77 -6.91
C VAL A 18 1.16 18.42 -5.77
N ASP A 19 0.42 19.42 -5.29
CA ASP A 19 -0.48 19.21 -4.16
C ASP A 19 -1.71 18.39 -4.54
N GLU A 20 -2.26 18.69 -5.71
CA GLU A 20 -3.44 17.97 -6.19
C GLU A 20 -3.13 16.51 -6.45
N ILE A 21 -1.92 16.23 -6.92
CA ILE A 21 -1.49 14.86 -7.15
C ILE A 21 -1.51 14.07 -5.86
N VAL A 22 -0.79 14.56 -4.85
CA VAL A 22 -0.67 13.84 -3.60
C VAL A 22 -2.04 13.70 -2.90
N ASP A 23 -2.84 14.77 -2.91
CA ASP A 23 -4.18 14.67 -2.34
C ASP A 23 -5.06 13.64 -3.04
N GLY A 24 -5.01 13.64 -4.37
CA GLY A 24 -5.84 12.75 -5.13
C GLY A 24 -5.42 11.31 -4.91
N VAL A 25 -4.11 11.07 -4.92
CA VAL A 25 -3.61 9.72 -4.77
C VAL A 25 -3.90 9.18 -3.37
N SER A 26 -3.87 10.06 -2.37
CA SER A 26 -4.15 9.61 -1.01
C SER A 26 -5.64 9.21 -0.86
N LYS A 27 -6.51 9.87 -1.61
CA LYS A 27 -7.93 9.52 -1.63
CA LYS A 27 -7.93 9.52 -1.61
C LYS A 27 -8.12 8.19 -2.33
N THR A 28 -7.51 8.07 -3.50
CA THR A 28 -7.52 6.83 -4.27
C THR A 28 -7.02 5.65 -3.45
N THR A 29 -5.87 5.84 -2.82
CA THR A 29 -5.25 4.78 -2.03
C THR A 29 -6.18 4.35 -0.88
N ALA A 30 -6.75 5.32 -0.17
CA ALA A 30 -7.66 5.01 0.92
C ALA A 30 -8.82 4.15 0.43
N GLU A 31 -9.39 4.52 -0.72
CA GLU A 31 -10.51 3.77 -1.28
C GLU A 31 -10.14 2.32 -1.61
N VAL A 32 -8.99 2.16 -2.27
CA VAL A 32 -8.56 0.83 -2.67
C VAL A 32 -8.28 -0.03 -1.43
N ILE A 33 -7.47 0.50 -0.52
CA ILE A 33 -7.13 -0.24 0.69
C ILE A 33 -8.37 -0.57 1.55
N ASN A 34 -9.26 0.41 1.71
CA ASN A 34 -10.48 0.13 2.48
C ASN A 34 -11.31 -0.96 1.83
N GLY A 35 -11.32 -0.99 0.51
CA GLY A 35 -12.06 -2.02 -0.21
C GLY A 35 -11.48 -3.39 0.08
N ARG A 36 -10.15 -3.50 0.06
CA ARG A 36 -9.52 -4.79 0.36
C ARG A 36 -9.75 -5.22 1.81
N LYS A 37 -9.67 -4.27 2.73
CA LYS A 37 -9.99 -4.56 4.14
C LYS A 37 -11.41 -5.10 4.30
N SER A 38 -12.36 -4.51 3.58
CA SER A 38 -13.76 -4.96 3.67
C SER A 38 -13.94 -6.38 3.14
N ILE A 39 -13.22 -6.71 2.08
CA ILE A 39 -13.27 -8.07 1.53
C ILE A 39 -12.69 -9.06 2.53
N ALA A 40 -11.54 -8.71 3.11
CA ALA A 40 -10.93 -9.54 4.14
C ALA A 40 -11.88 -9.75 5.33
N GLN A 41 -12.54 -8.69 5.78
CA GLN A 41 -13.44 -8.82 6.92
C GLN A 41 -14.59 -9.75 6.58
N TYR A 42 -15.12 -9.63 5.37
CA TYR A 42 -16.22 -10.48 4.92
C TYR A 42 -15.81 -11.94 4.95
N ALA A 43 -14.68 -12.27 4.34
CA ALA A 43 -14.20 -13.65 4.33
C ALA A 43 -14.02 -14.18 5.76
N THR A 44 -13.48 -13.33 6.62
CA THR A 44 -13.22 -13.73 8.00
C THR A 44 -14.54 -14.01 8.72
N SER A 45 -15.53 -13.16 8.48
CA SER A 45 -16.82 -13.35 9.11
C SER A 45 -17.51 -14.64 8.66
N LEU A 46 -17.38 -14.97 7.38
CA LEU A 46 -17.89 -16.25 6.89
C LEU A 46 -17.17 -17.41 7.52
N ILE A 47 -15.85 -17.29 7.66
CA ILE A 47 -15.07 -18.36 8.27
C ILE A 47 -15.47 -18.56 9.74
N GLU A 48 -15.67 -17.46 10.46
CA GLU A 48 -16.07 -17.53 11.87
C GLU A 48 -17.42 -18.23 12.04
N SER A 49 -18.28 -18.07 11.04
CA SER A 49 -19.58 -18.75 11.05
C SER A 49 -19.43 -20.27 10.94
N ASN A 50 -18.46 -20.72 10.14
CA ASN A 50 -18.17 -22.15 9.99
C ASN A 50 -16.71 -22.43 9.62
N PRO A 51 -15.85 -22.58 10.63
CA PRO A 51 -14.41 -22.69 10.40
C PRO A 51 -13.93 -24.09 10.01
N GLU A 52 -14.85 -24.99 9.65
CA GLU A 52 -14.47 -26.28 9.08
C GLU A 52 -13.57 -26.09 7.87
N PRO A 53 -12.46 -26.85 7.81
CA PRO A 53 -11.42 -26.70 6.79
C PRO A 53 -11.93 -26.66 5.35
N ASP A 54 -12.88 -27.52 5.00
CA ASP A 54 -13.39 -27.51 3.63
C ASP A 54 -14.10 -26.19 3.31
N ASN A 55 -14.87 -25.70 4.27
CA ASN A 55 -15.60 -24.44 4.09
C ASN A 55 -14.59 -23.29 4.01
N VAL A 56 -13.60 -23.31 4.89
CA VAL A 56 -12.54 -22.31 4.84
C VAL A 56 -11.92 -22.27 3.45
N ARG A 57 -11.55 -23.43 2.92
CA ARG A 57 -10.92 -23.51 1.62
C ARG A 57 -11.81 -22.94 0.50
N THR A 58 -13.10 -23.24 0.57
CA THR A 58 -14.05 -22.72 -0.41
C THR A 58 -14.09 -21.20 -0.36
N ILE A 59 -14.15 -20.66 0.85
CA ILE A 59 -14.24 -19.21 1.05
C ILE A 59 -13.01 -18.50 0.51
N ILE A 60 -11.82 -19.03 0.80
CA ILE A 60 -10.60 -18.32 0.43
C ILE A 60 -10.05 -18.65 -0.95
N SER A 61 -10.63 -19.63 -1.63
CA SER A 61 -10.07 -20.03 -2.92
C SER A 61 -10.79 -19.47 -4.16
N GLN A 62 -11.79 -18.63 -3.94
CA GLN A 62 -12.53 -18.05 -5.05
C GLN A 62 -11.70 -16.98 -5.74
N PRO A 63 -11.92 -16.78 -7.05
CA PRO A 63 -11.24 -15.75 -7.83
C PRO A 63 -11.14 -14.38 -7.15
N LEU A 64 -12.21 -13.91 -6.50
CA LEU A 64 -12.13 -12.60 -5.90
C LEU A 64 -10.98 -12.53 -4.88
N ILE A 65 -10.89 -13.56 -4.05
CA ILE A 65 -9.85 -13.60 -3.04
C ILE A 65 -8.48 -13.78 -3.70
N LYS A 66 -8.39 -14.72 -4.63
CA LYS A 66 -7.14 -15.01 -5.34
C LYS A 66 -6.61 -13.78 -6.04
N ASN A 67 -7.51 -12.96 -6.57
CA ASN A 67 -7.11 -11.80 -7.36
C ASN A 67 -6.87 -10.56 -6.51
N THR A 68 -7.45 -10.53 -5.32
CA THR A 68 -7.32 -9.34 -4.50
C THR A 68 -6.05 -9.37 -3.67
N PHE A 69 -5.61 -10.57 -3.27
CA PHE A 69 -4.46 -10.73 -2.40
C PHE A 69 -3.47 -11.71 -3.02
N LEU A 70 -2.21 -11.59 -2.59
CA LEU A 70 -1.16 -12.51 -3.05
C LEU A 70 -1.41 -13.92 -2.56
N LEU A 71 -1.88 -14.02 -1.33
CA LEU A 71 -2.00 -15.30 -0.66
C LEU A 71 -2.83 -15.09 0.59
N VAL A 72 -3.62 -16.09 0.96
CA VAL A 72 -4.43 -16.06 2.17
C VAL A 72 -4.23 -17.35 2.95
N GLY A 73 -4.05 -17.23 4.26
CA GLY A 73 -3.92 -18.41 5.11
C GLY A 73 -4.54 -18.22 6.48
N PHE A 74 -5.18 -19.27 6.98
CA PHE A 74 -5.77 -19.30 8.32
C PHE A 74 -4.89 -20.19 9.19
N GLY A 75 -4.19 -19.61 10.16
CA GLY A 75 -3.37 -20.38 11.09
C GLY A 75 -4.13 -20.65 12.37
N LEU A 76 -4.06 -21.90 12.88
CA LEU A 76 -4.81 -22.32 14.06
C LEU A 76 -4.01 -22.26 15.36
N GLU A 77 -4.62 -21.68 16.37
CA GLU A 77 -4.00 -21.55 17.69
C GLU A 77 -3.74 -22.93 18.28
N LYS A 78 -4.68 -23.85 18.06
CA LYS A 78 -4.64 -25.16 18.70
C LYS A 78 -3.35 -25.94 18.45
N ASP A 79 -2.88 -25.93 17.20
CA ASP A 79 -1.77 -26.81 16.81
C ASP A 79 -0.82 -26.20 15.79
N GLY A 80 -1.04 -24.94 15.41
CA GLY A 80 -0.17 -24.31 14.43
C GLY A 80 -0.35 -24.82 13.01
N SER A 81 -1.42 -25.56 12.76
CA SER A 81 -1.75 -25.98 11.40
C SER A 81 -2.26 -24.77 10.61
N ASN A 82 -2.41 -24.91 9.30
CA ASN A 82 -3.00 -23.84 8.50
C ASN A 82 -3.82 -24.35 7.34
N ILE A 83 -4.79 -23.55 6.92
CA ILE A 83 -5.49 -23.79 5.66
C ILE A 83 -5.22 -22.55 4.82
N ASN A 84 -4.79 -22.74 3.58
CA ASN A 84 -4.41 -21.62 2.74
C ASN A 84 -4.98 -21.82 1.36
N ASN A 85 -4.81 -20.82 0.48
CA ASN A 85 -5.44 -20.86 -0.84
C ASN A 85 -4.46 -21.08 -1.99
N ASP A 86 -3.28 -21.61 -1.70
CA ASP A 86 -2.32 -21.89 -2.76
C ASP A 86 -1.55 -23.18 -2.47
N PRO A 87 -1.95 -24.29 -3.08
CA PRO A 87 -1.27 -25.57 -2.83
C PRO A 87 0.23 -25.54 -3.16
N SER A 88 0.66 -24.58 -3.96
CA SER A 88 2.07 -24.46 -4.33
C SER A 88 2.93 -23.73 -3.29
N TRP A 89 2.27 -23.10 -2.32
CA TRP A 89 2.98 -22.34 -1.31
C TRP A 89 3.55 -23.26 -0.23
N ASN A 90 4.84 -23.06 0.07
CA ASN A 90 5.52 -23.90 1.05
C ASN A 90 6.56 -23.08 1.82
N PRO A 91 6.23 -22.70 3.06
CA PRO A 91 7.14 -21.86 3.85
C PRO A 91 8.22 -22.67 4.58
N GLY A 92 8.27 -23.98 4.38
CA GLY A 92 9.28 -24.78 5.05
C GLY A 92 8.70 -25.54 6.23
N PRO A 93 9.40 -26.59 6.69
CA PRO A 93 8.84 -27.55 7.65
C PRO A 93 8.66 -27.04 9.07
N THR A 94 9.32 -25.95 9.45
CA THR A 94 9.22 -25.48 10.83
C THR A 94 8.33 -24.24 10.98
N TRP A 95 7.72 -23.82 9.87
CA TRP A 95 6.87 -22.63 9.90
C TRP A 95 5.74 -22.82 10.90
N ASP A 96 5.61 -21.86 11.81
CA ASP A 96 4.53 -21.88 12.79
C ASP A 96 3.79 -20.55 12.67
N PRO A 97 2.51 -20.58 12.24
CA PRO A 97 1.83 -19.31 12.04
C PRO A 97 1.74 -18.48 13.32
N ARG A 98 1.67 -19.17 14.46
CA ARG A 98 1.44 -18.51 15.74
C ARG A 98 2.54 -17.55 16.16
N VAL A 99 3.72 -17.63 15.53
CA VAL A 99 4.81 -16.73 15.87
C VAL A 99 5.02 -15.61 14.84
N ARG A 100 4.19 -15.60 13.80
CA ARG A 100 4.34 -14.63 12.71
C ARG A 100 3.71 -13.28 13.06
N PRO A 101 4.25 -12.18 12.49
CA PRO A 101 3.78 -10.84 12.87
C PRO A 101 2.31 -10.60 12.53
N TRP A 102 1.83 -11.14 11.40
CA TRP A 102 0.42 -10.99 11.08
C TRP A 102 -0.46 -11.67 12.13
N TYR A 103 0.00 -12.80 12.64
CA TYR A 103 -0.81 -13.58 13.58
C TYR A 103 -0.85 -12.86 14.93
N LYS A 104 0.31 -12.45 15.42
CA LYS A 104 0.37 -11.75 16.70
C LYS A 104 -0.33 -10.39 16.64
N ASP A 105 -0.18 -9.69 15.51
CA ASP A 105 -0.82 -8.37 15.37
C ASP A 105 -2.32 -8.49 15.50
N ALA A 106 -2.89 -9.49 14.82
CA ALA A 106 -4.34 -9.68 14.85
C ALA A 106 -4.81 -10.14 16.24
N LYS A 107 -4.05 -11.05 16.83
CA LYS A 107 -4.38 -11.59 18.14
C LYS A 107 -4.39 -10.48 19.18
N ASN A 108 -3.33 -9.69 19.18
CA ASN A 108 -3.20 -8.61 20.16
C ASN A 108 -4.20 -7.47 19.97
N ALA A 109 -4.47 -7.11 18.71
CA ALA A 109 -5.44 -6.07 18.40
C ALA A 109 -6.88 -6.48 18.65
N GLY A 110 -7.19 -7.76 18.45
CA GLY A 110 -8.56 -8.25 18.60
C GLY A 110 -9.50 -7.72 17.53
N LYS A 111 -8.93 -7.25 16.43
CA LYS A 111 -9.72 -6.75 15.31
C LYS A 111 -8.82 -6.68 14.08
N LEU A 112 -9.41 -6.39 12.92
CA LEU A 112 -8.65 -6.29 11.68
C LEU A 112 -7.56 -5.25 11.76
N VAL A 113 -6.35 -5.60 11.31
CA VAL A 113 -5.26 -4.63 11.24
C VAL A 113 -4.49 -4.83 9.95
N ILE A 114 -3.65 -3.86 9.62
CA ILE A 114 -2.67 -4.08 8.57
C ILE A 114 -1.30 -4.02 9.22
N THR A 115 -0.47 -5.01 8.94
CA THR A 115 0.85 -5.08 9.56
C THR A 115 1.78 -3.98 9.04
N ALA A 116 2.85 -3.74 9.79
CA ALA A 116 4.01 -3.05 9.26
C ALA A 116 4.69 -3.97 8.24
N PRO A 117 5.58 -3.42 7.40
CA PRO A 117 6.23 -4.31 6.44
C PRO A 117 7.07 -5.37 7.14
N TYR A 118 7.09 -6.56 6.55
CA TYR A 118 7.90 -7.66 7.07
C TYR A 118 8.26 -8.59 5.93
N ALA A 119 9.20 -9.50 6.17
CA ALA A 119 9.67 -10.39 5.12
C ALA A 119 8.85 -11.69 5.05
N ASP A 120 8.30 -11.96 3.87
CA ASP A 120 7.47 -13.14 3.69
C ASP A 120 8.27 -14.39 4.00
N SER A 121 7.60 -15.37 4.64
CA SER A 121 8.25 -16.63 5.01
C SER A 121 8.76 -17.47 3.84
N ALA A 122 8.04 -17.46 2.73
CA ALA A 122 8.38 -18.31 1.60
C ALA A 122 9.28 -17.61 0.59
N SER A 123 8.92 -16.38 0.23
CA SER A 123 9.61 -15.67 -0.85
C SER A 123 10.72 -14.73 -0.35
N GLY A 124 10.66 -14.33 0.91
CA GLY A 124 11.59 -13.34 1.43
C GLY A 124 11.28 -11.90 1.03
N GLU A 125 10.31 -11.70 0.15
CA GLU A 125 9.95 -10.33 -0.26
C GLU A 125 9.32 -9.56 0.91
N ILE A 126 9.55 -8.26 0.94
CA ILE A 126 8.92 -7.42 1.95
C ILE A 126 7.48 -7.20 1.52
N LEU A 127 6.54 -7.43 2.44
CA LEU A 127 5.14 -7.16 2.15
C LEU A 127 4.42 -6.66 3.41
N VAL A 128 3.13 -6.37 3.29
CA VAL A 128 2.31 -6.19 4.49
C VAL A 128 1.14 -7.16 4.36
N SER A 129 0.42 -7.39 5.45
CA SER A 129 -0.74 -8.25 5.40
C SER A 129 -1.89 -7.56 6.10
N VAL A 130 -3.08 -7.75 5.56
CA VAL A 130 -4.28 -7.50 6.32
C VAL A 130 -4.39 -8.75 7.20
N ALA A 131 -4.65 -8.57 8.48
CA ALA A 131 -4.70 -9.72 9.39
C ALA A 131 -5.92 -9.59 10.29
N THR A 132 -6.61 -10.70 10.49
CA THR A 132 -7.81 -10.70 11.32
C THR A 132 -7.78 -11.87 12.30
N PRO A 133 -8.27 -11.65 13.53
CA PRO A 133 -8.43 -12.76 14.46
C PRO A 133 -9.71 -13.53 14.12
N VAL A 134 -9.73 -14.81 14.42
CA VAL A 134 -10.92 -15.63 14.22
C VAL A 134 -11.43 -16.07 15.58
N LYS A 135 -12.66 -15.67 15.90
CA LYS A 135 -13.33 -16.10 17.13
C LYS A 135 -14.51 -17.01 16.80
N ASP A 136 -14.70 -18.08 17.56
CA ASP A 136 -15.87 -18.93 17.37
C ASP A 136 -17.14 -18.20 17.79
N SER A 137 -18.24 -18.46 17.07
CA SER A 137 -19.52 -17.83 17.37
C SER A 137 -19.92 -17.92 18.84
N ALA A 138 -19.90 -19.14 19.38
CA ALA A 138 -20.45 -19.41 20.69
C ALA A 138 -19.72 -18.76 21.87
N THR A 139 -18.41 -18.93 21.92
CA THR A 139 -17.66 -18.57 23.13
C THR A 139 -16.80 -17.32 22.97
N GLY A 140 -16.60 -16.87 21.74
CA GLY A 140 -15.78 -15.71 21.48
C GLY A 140 -14.31 -15.97 21.77
N GLN A 141 -13.95 -17.25 21.89
CA GLN A 141 -12.58 -17.64 22.12
C GLN A 141 -11.77 -17.62 20.82
N PHE A 142 -10.56 -17.12 20.92
CA PHE A 142 -9.60 -17.06 19.82
C PHE A 142 -9.29 -18.44 19.23
N LEU A 143 -9.55 -18.62 17.94
CA LEU A 143 -9.24 -19.88 17.27
C LEU A 143 -7.94 -19.76 16.48
N GLY A 144 -7.52 -18.53 16.20
CA GLY A 144 -6.40 -18.31 15.30
C GLY A 144 -6.53 -17.02 14.53
N SER A 145 -5.66 -16.82 13.54
CA SER A 145 -5.65 -15.57 12.77
C SER A 145 -5.56 -15.89 11.30
N ILE A 146 -6.01 -14.95 10.47
CA ILE A 146 -5.93 -15.11 9.03
C ILE A 146 -5.11 -13.95 8.47
N PHE A 147 -4.23 -14.26 7.52
CA PHE A 147 -3.52 -13.21 6.79
C PHE A 147 -4.00 -13.13 5.35
N TYR A 148 -4.03 -11.90 4.83
CA TYR A 148 -4.35 -11.62 3.45
C TYR A 148 -3.19 -10.76 2.95
N ASP A 149 -2.31 -11.37 2.17
CA ASP A 149 -1.06 -10.71 1.83
C ASP A 149 -1.22 -9.68 0.73
N VAL A 150 -0.53 -8.57 0.87
CA VAL A 150 -0.60 -7.44 -0.06
C VAL A 150 0.77 -7.21 -0.70
N SER A 151 0.84 -7.23 -2.03
CA SER A 151 2.10 -6.99 -2.74
C SER A 151 2.45 -5.52 -2.73
N LEU A 152 3.63 -5.18 -2.20
CA LEU A 152 4.05 -3.78 -2.14
C LEU A 152 4.44 -3.26 -3.52
N ALA A 153 5.01 -4.13 -4.36
CA ALA A 153 5.34 -3.72 -5.73
C ALA A 153 4.06 -3.38 -6.52
N GLU A 154 3.02 -4.17 -6.32
CA GLU A 154 1.72 -3.91 -6.95
CA GLU A 154 1.76 -3.89 -6.99
C GLU A 154 1.12 -2.61 -6.45
N LEU A 155 1.25 -2.36 -5.16
CA LEU A 155 0.71 -1.14 -4.57
C LEU A 155 1.49 0.04 -5.14
N ALA A 156 2.81 -0.09 -5.28
CA ALA A 156 3.58 1.01 -5.85
C ALA A 156 3.15 1.29 -7.29
N GLU A 157 2.94 0.22 -8.06
CA GLU A 157 2.51 0.38 -9.45
C GLU A 157 1.16 1.08 -9.49
N LEU A 158 0.27 0.65 -8.61
CA LEU A 158 -1.07 1.20 -8.54
C LEU A 158 -1.07 2.71 -8.30
N VAL A 159 -0.34 3.17 -7.28
CA VAL A 159 -0.39 4.60 -6.97
C VAL A 159 0.37 5.43 -7.98
N ASN A 160 1.20 4.78 -8.79
CA ASN A 160 1.91 5.52 -9.83
C ASN A 160 1.21 5.55 -11.18
N GLU A 161 -0.01 5.06 -11.23
CA GLU A 161 -0.78 5.14 -12.47
C GLU A 161 -1.19 6.58 -12.77
N VAL A 162 -1.11 7.45 -11.75
CA VAL A 162 -1.41 8.87 -11.86
C VAL A 162 -0.49 9.57 -12.87
N LYS A 163 -1.02 10.60 -13.55
CA LYS A 163 -0.22 11.34 -14.52
C LYS A 163 0.75 12.29 -13.81
N LEU A 164 2.04 12.15 -14.09
CA LEU A 164 3.03 12.95 -13.38
C LEU A 164 3.97 13.71 -14.30
N PHE A 165 3.57 13.89 -15.55
CA PHE A 165 4.34 14.70 -16.48
C PHE A 165 5.73 14.12 -16.73
N ASP A 166 5.92 12.83 -16.44
CA ASP A 166 7.24 12.20 -16.48
C ASP A 166 8.25 12.91 -15.58
N ALA A 167 7.73 13.58 -14.55
CA ALA A 167 8.56 14.46 -13.74
C ALA A 167 8.91 13.87 -12.36
N GLY A 168 8.44 12.66 -12.08
CA GLY A 168 8.73 12.08 -10.79
C GLY A 168 7.84 10.90 -10.46
N TYR A 169 7.65 10.65 -9.17
CA TYR A 169 6.92 9.46 -8.75
C TYR A 169 6.24 9.63 -7.40
N VAL A 170 5.35 8.68 -7.11
CA VAL A 170 4.57 8.63 -5.89
C VAL A 170 5.05 7.46 -5.03
N PHE A 171 5.00 7.63 -3.71
CA PHE A 171 5.38 6.53 -2.83
C PHE A 171 4.48 6.57 -1.59
N ILE A 172 4.52 5.51 -0.80
CA ILE A 172 3.74 5.47 0.43
C ILE A 172 4.69 5.23 1.59
N VAL A 173 4.49 5.96 2.69
CA VAL A 173 5.29 5.76 3.89
C VAL A 173 4.36 5.67 5.10
N SER A 174 4.82 5.05 6.18
CA SER A 174 4.05 5.09 7.41
C SER A 174 4.43 6.36 8.16
N GLU A 175 3.73 6.65 9.26
CA GLU A 175 3.94 7.89 9.97
C GLU A 175 5.36 8.10 10.47
N ASP A 176 6.09 7.02 10.73
CA ASP A 176 7.47 7.15 11.23
C ASP A 176 8.53 7.17 10.13
N GLY A 177 8.10 7.24 8.88
CA GLY A 177 9.04 7.35 7.76
C GLY A 177 9.42 6.02 7.15
N THR A 178 8.84 4.94 7.68
CA THR A 178 9.09 3.62 7.11
C THR A 178 8.42 3.50 5.75
N THR A 179 9.18 3.10 4.74
CA THR A 179 8.63 2.97 3.39
C THR A 179 7.67 1.80 3.28
N ILE A 180 6.44 2.09 2.85
CA ILE A 180 5.44 1.06 2.59
C ILE A 180 5.52 0.59 1.13
N ALA A 181 5.59 1.52 0.18
CA ALA A 181 5.65 1.13 -1.23
C ALA A 181 6.41 2.17 -2.02
N HIS A 182 7.47 1.73 -2.69
CA HIS A 182 8.27 2.59 -3.57
C HIS A 182 8.37 1.90 -4.93
N PRO A 183 8.40 2.68 -6.03
CA PRO A 183 8.59 2.05 -7.35
C PRO A 183 9.84 1.17 -7.38
N LYS A 184 10.87 1.53 -6.64
CA LYS A 184 12.05 0.67 -6.50
C LYS A 184 11.92 -0.21 -5.27
N LYS A 185 11.71 -1.50 -5.53
CA LYS A 185 11.42 -2.49 -4.50
C LYS A 185 12.44 -2.49 -3.37
N GLU A 186 13.67 -2.11 -3.70
CA GLU A 186 14.76 -2.18 -2.73
C GLU A 186 14.49 -1.34 -1.49
N PHE A 187 13.64 -0.31 -1.62
CA PHE A 187 13.39 0.59 -0.50
C PHE A 187 12.23 0.16 0.40
N ASN A 188 11.46 -0.83 -0.05
CA ASN A 188 10.29 -1.25 0.75
C ASN A 188 10.70 -1.74 2.14
N GLY A 189 10.05 -1.18 3.16
CA GLY A 189 10.35 -1.55 4.54
C GLY A 189 11.54 -0.83 5.12
N LYS A 190 12.20 0.00 4.30
CA LYS A 190 13.37 0.74 4.74
C LYS A 190 13.02 2.19 5.03
N PRO A 191 13.87 2.91 5.78
CA PRO A 191 13.54 4.30 6.10
C PRO A 191 13.52 5.18 4.84
N MET A 192 12.54 6.07 4.73
CA MET A 192 12.42 6.87 3.50
C MET A 192 13.65 7.75 3.27
N SER A 193 14.43 7.96 4.31
CA SER A 193 15.67 8.73 4.17
C SER A 193 16.56 8.11 3.11
N GLU A 194 16.43 6.81 2.87
CA GLU A 194 17.30 6.13 1.92
C GLU A 194 17.09 6.61 0.47
N PHE A 195 15.91 7.17 0.19
CA PHE A 195 15.67 7.75 -1.13
C PHE A 195 15.34 9.25 -1.13
N LEU A 196 14.96 9.78 0.03
CA LEU A 196 14.59 11.19 0.13
C LEU A 196 15.66 12.07 0.77
N GLY A 197 16.56 11.47 1.53
CA GLY A 197 17.48 12.23 2.37
C GLY A 197 16.83 12.61 3.68
N GLU A 198 15.60 13.12 3.61
CA GLU A 198 14.84 13.49 4.81
C GLU A 198 14.32 12.26 5.51
N SER A 199 14.31 12.29 6.84
CA SER A 199 13.92 11.13 7.63
C SER A 199 12.51 11.23 8.17
N LYS A 200 12.02 12.45 8.36
CA LYS A 200 10.68 12.65 8.90
C LYS A 200 9.75 13.30 7.88
N ILE A 201 8.47 12.98 8.00
CA ILE A 201 7.46 13.55 7.12
C ILE A 201 7.23 15.03 7.43
N ASN A 202 7.41 15.87 6.42
CA ASN A 202 7.02 17.27 6.51
C ASN A 202 5.88 17.47 5.52
N VAL A 203 4.67 17.66 6.04
CA VAL A 203 3.48 17.65 5.21
C VAL A 203 3.38 18.87 4.28
N ASP A 204 3.95 20.00 4.69
CA ASP A 204 3.96 21.18 3.84
C ASP A 204 4.87 20.93 2.64
N THR A 205 4.42 21.28 1.46
CA THR A 205 5.21 21.09 0.26
C THR A 205 6.51 21.86 0.38
N HIS A 206 7.63 21.20 0.10
CA HIS A 206 8.93 21.83 0.30
C HIS A 206 9.95 21.32 -0.69
N GLN A 207 11.05 22.05 -0.82
CA GLN A 207 12.13 21.64 -1.71
C GLN A 207 13.11 20.72 -1.00
N VAL A 208 13.59 19.72 -1.71
CA VAL A 208 14.58 18.79 -1.20
C VAL A 208 15.68 18.60 -2.24
N ILE A 209 16.93 18.58 -1.80
CA ILE A 209 18.04 18.36 -2.71
C ILE A 209 18.46 16.89 -2.72
N ILE A 210 18.39 16.27 -3.89
CA ILE A 210 18.73 14.86 -4.03
C ILE A 210 19.69 14.69 -5.22
N ASN A 211 20.85 14.11 -4.96
CA ASN A 211 21.89 14.01 -5.97
C ASN A 211 22.30 15.39 -6.48
N GLY A 212 22.30 16.38 -5.58
CA GLY A 212 22.68 17.73 -5.94
C GLY A 212 21.68 18.43 -6.86
N LYS A 213 20.46 17.89 -6.94
CA LYS A 213 19.41 18.48 -7.75
C LYS A 213 18.15 18.69 -6.92
N PRO A 214 17.41 19.77 -7.20
CA PRO A 214 16.24 20.14 -6.39
C PRO A 214 14.96 19.48 -6.86
N TYR A 215 14.15 19.02 -5.91
CA TYR A 215 12.85 18.43 -6.18
C TYR A 215 11.82 18.98 -5.22
N ALA A 216 10.57 19.02 -5.66
CA ALA A 216 9.50 19.37 -4.75
C ALA A 216 8.97 18.09 -4.13
N VAL A 217 8.78 18.11 -2.81
CA VAL A 217 8.23 16.96 -2.11
C VAL A 217 6.97 17.38 -1.37
N SER A 218 5.92 16.57 -1.47
CA SER A 218 4.71 16.87 -0.72
C SER A 218 4.10 15.59 -0.20
N PHE A 219 3.31 15.70 0.87
CA PHE A 219 2.68 14.53 1.48
C PHE A 219 1.19 14.76 1.70
N SER A 220 0.45 13.65 1.79
CA SER A 220 -0.96 13.73 2.19
C SER A 220 -1.32 12.46 2.97
N ASP A 221 -2.04 12.65 4.06
CA ASP A 221 -2.45 11.52 4.91
C ASP A 221 -3.41 10.58 4.16
N VAL A 222 -3.29 9.29 4.45
CA VAL A 222 -4.21 8.29 3.93
C VAL A 222 -5.21 7.97 5.03
N GLU A 223 -6.50 8.17 4.76
CA GLU A 223 -7.51 7.94 5.78
C GLU A 223 -7.71 6.44 5.99
N GLY A 224 -7.58 5.97 7.23
CA GLY A 224 -7.79 4.55 7.50
C GLY A 224 -6.55 3.77 7.90
N GLU A 225 -5.36 4.27 7.53
CA GLU A 225 -4.10 3.69 8.03
C GLU A 225 -3.22 4.81 8.50
N ASP A 226 -2.15 4.46 9.22
CA ASP A 226 -1.19 5.48 9.63
CA ASP A 226 -1.17 5.46 9.65
C ASP A 226 -0.14 5.62 8.54
N TRP A 227 -0.61 5.86 7.32
CA TRP A 227 0.24 6.04 6.15
C TRP A 227 0.08 7.42 5.57
N TYR A 228 1.09 7.85 4.82
CA TYR A 228 1.00 9.04 3.99
C TYR A 228 1.42 8.67 2.58
N VAL A 229 0.80 9.31 1.61
CA VAL A 229 1.32 9.27 0.24
C VAL A 229 2.28 10.43 0.06
N GLY A 230 3.44 10.18 -0.54
CA GLY A 230 4.35 11.27 -0.85
C GLY A 230 4.59 11.35 -2.34
N VAL A 231 5.01 12.52 -2.82
CA VAL A 231 5.42 12.67 -4.22
C VAL A 231 6.76 13.38 -4.26
N VAL A 232 7.60 13.02 -5.23
CA VAL A 232 8.85 13.71 -5.48
C VAL A 232 8.75 14.17 -6.92
N ILE A 233 8.91 15.47 -7.17
CA ILE A 233 8.68 16.00 -8.51
C ILE A 233 9.80 16.94 -8.93
N ASP A 234 10.31 16.74 -10.14
CA ASP A 234 11.25 17.68 -10.75
C ASP A 234 10.43 18.78 -11.43
N GLU A 235 10.41 19.96 -10.82
CA GLU A 235 9.49 21.00 -11.27
C GLU A 235 9.93 21.62 -12.59
N GLU A 236 11.21 21.43 -12.93
CA GLU A 236 11.72 21.89 -14.22
C GLU A 236 11.16 21.04 -15.34
N ILE A 237 11.11 19.73 -15.11
CA ILE A 237 10.50 18.82 -16.07
C ILE A 237 8.99 19.07 -16.19
N ALA A 238 8.32 19.27 -15.06
CA ALA A 238 6.89 19.52 -15.04
C ALA A 238 6.52 20.80 -15.79
N TYR A 239 7.32 21.85 -15.58
CA TYR A 239 7.11 23.13 -16.25
C TYR A 239 7.14 22.94 -17.76
N ALA A 240 8.14 22.20 -18.24
CA ALA A 240 8.26 21.91 -19.66
C ALA A 240 7.05 21.17 -20.22
N ALA A 241 6.59 20.14 -19.53
CA ALA A 241 5.42 19.38 -19.96
C ALA A 241 4.20 20.28 -20.10
N LEU A 242 3.95 21.09 -19.07
CA LEU A 242 2.81 22.02 -19.07
C LEU A 242 2.93 23.13 -20.11
N ASP A 243 4.15 23.62 -20.31
CA ASP A 243 4.39 24.66 -21.32
C ASP A 243 4.11 24.08 -22.70
N GLU A 244 4.51 22.84 -22.92
CA GLU A 244 4.25 22.16 -24.18
C GLU A 244 2.75 22.05 -24.41
N LEU A 245 2.01 21.72 -23.36
CA LEU A 245 0.57 21.57 -23.44
C LEU A 245 -0.07 22.90 -23.87
N ARG A 246 0.36 23.98 -23.23
CA ARG A 246 -0.15 25.31 -23.52
C ARG A 246 0.09 25.70 -24.99
N ARG A 247 1.32 25.49 -25.47
CA ARG A 247 1.69 25.84 -26.85
C ARG A 247 0.96 24.96 -27.87
N SER A 248 0.92 23.66 -27.58
CA SER A 248 0.28 22.69 -28.47
C SER A 248 -1.20 23.01 -28.61
N THR A 249 -1.84 23.31 -27.49
CA THR A 249 -3.25 23.64 -27.49
C THR A 249 -3.54 24.87 -28.36
N LEU A 250 -2.75 25.92 -28.18
CA LEU A 250 -2.86 27.14 -28.97
C LEU A 250 -2.78 26.87 -30.46
N ILE A 251 -1.73 26.15 -30.86
CA ILE A 251 -1.51 25.84 -32.27
C ILE A 251 -2.69 25.05 -32.82
N HIS A 252 -3.10 24.04 -32.08
CA HIS A 252 -4.18 23.17 -32.54
C HIS A 252 -5.46 23.98 -32.76
N HIS A 253 -5.72 24.92 -31.87
CA HIS A 253 -6.92 25.75 -31.94
C HIS A 253 -6.94 26.68 -33.15
N HIS A 254 -5.75 27.07 -33.63
CA HIS A 254 -5.64 27.94 -34.80
C HIS A 254 -6.17 27.26 -36.06
N HIS A 255 -6.13 25.93 -36.07
CA HIS A 255 -6.53 25.18 -37.27
C HIS A 255 -7.73 24.28 -37.00
N HIS A 256 -8.38 24.49 -35.86
CA HIS A 256 -9.56 23.71 -35.47
C HIS A 256 -10.47 24.51 -34.53
#